data_5LTN
#
_entry.id   5LTN
#
_cell.length_a   107.185
_cell.length_b   107.185
_cell.length_c   53.807
_cell.angle_alpha   90.00
_cell.angle_beta   90.00
_cell.angle_gamma   90.00
#
_symmetry.space_group_name_H-M   'P 41'
#
loop_
_entity.id
_entity.type
_entity.pdbx_description
1 polymer 'RNA-directed RNA polymerase L'
2 non-polymer 'MAGNESIUM ION'
3 non-polymer GLYCEROL
4 non-polymer '2-4-DIOXO-4-PHENYLBUTANOIC ACID'
5 non-polymer 'CHLORIDE ION'
6 non-polymer DI(HYDROXYETHYL)ETHER
7 non-polymer 'SODIUM ION'
8 water water
#
_entity_poly.entity_id   1
_entity_poly.type   'polypeptide(L)'
_entity_poly.pdbx_seq_one_letter_code
;MKHHHHHHDEIISELRELCLNYIEQDERLSRQKLNFLGQREPRMVLIEGLKLLSRCIEIDSADKSGCTHNHDDKSVETIL
VESGIVCPGLPLIIPDGYKLIDNSLILLECFVRSTPASFEKKFIEDTNKLACIREDLAVAGVTLVPIVDGRCDYDNSFMP
EWANFKFRDLLFKLLEYSNQDEKVFEESEYFRLCESLKTTIDKR
;
_entity_poly.pdbx_strand_id   A,B
#
loop_
_chem_comp.id
_chem_comp.type
_chem_comp.name
_chem_comp.formula
CL non-polymer 'CHLORIDE ION' 'Cl -1'
GOL non-polymer GLYCEROL 'C3 H8 O3'
MG non-polymer 'MAGNESIUM ION' 'Mg 2'
NA non-polymer 'SODIUM ION' 'Na 1'
PEG non-polymer DI(HYDROXYETHYL)ETHER 'C4 H10 O3'
XI7 non-polymer '2-4-DIOXO-4-PHENYLBUTANOIC ACID' 'C10 H8 O4'
#
# COMPACT_ATOMS: atom_id res chain seq x y z
N HIS A 8 -10.93 25.37 -7.78
CA HIS A 8 -11.22 24.13 -7.06
C HIS A 8 -10.72 22.90 -7.81
N ASP A 9 -11.20 22.71 -9.05
CA ASP A 9 -10.66 21.63 -9.89
C ASP A 9 -9.16 21.77 -10.07
N GLU A 10 -8.68 22.99 -10.26
CA GLU A 10 -7.24 23.17 -10.42
C GLU A 10 -6.50 22.88 -9.12
N ILE A 11 -7.08 23.31 -7.98
CA ILE A 11 -6.45 23.07 -6.68
C ILE A 11 -6.38 21.57 -6.42
N ILE A 12 -7.48 20.88 -6.63
CA ILE A 12 -7.49 19.42 -6.47
C ILE A 12 -6.49 18.76 -7.41
N SER A 13 -6.43 19.24 -8.66
CA SER A 13 -5.46 18.66 -9.58
C SER A 13 -4.01 18.88 -9.10
N GLU A 14 -3.70 20.09 -8.63
CA GLU A 14 -2.34 20.34 -8.13
C GLU A 14 -2.02 19.50 -6.90
N LEU A 15 -3.01 19.28 -6.04
CA LEU A 15 -2.80 18.44 -4.87
C LEU A 15 -2.51 16.99 -5.26
N ARG A 16 -3.28 16.46 -6.22
CA ARG A 16 -3.02 15.09 -6.66
C ARG A 16 -1.65 14.94 -7.27
N GLU A 17 -1.22 15.95 -8.03
CA GLU A 17 0.09 15.91 -8.66
C GLU A 17 1.19 15.90 -7.60
N LEU A 18 1.06 16.72 -6.56
CA LEU A 18 2.04 16.68 -5.48
C LEU A 18 2.05 15.32 -4.81
N CYS A 19 0.86 14.76 -4.55
CA CYS A 19 0.78 13.47 -3.90
C CYS A 19 1.49 12.38 -4.69
N LEU A 20 1.31 12.38 -6.02
CA LEU A 20 1.89 11.32 -6.86
C LEU A 20 3.37 11.56 -7.14
N ASN A 21 3.76 12.81 -7.34
CA ASN A 21 5.11 13.11 -7.81
C ASN A 21 6.10 13.52 -6.71
N TYR A 22 5.63 14.08 -5.59
CA TYR A 22 6.58 14.64 -4.62
C TYR A 22 6.38 14.16 -3.19
N ILE A 23 5.68 13.06 -2.95
CA ILE A 23 5.72 12.39 -1.66
C ILE A 23 6.40 11.07 -1.89
N GLU A 24 7.48 10.82 -1.15
CA GLU A 24 8.28 9.61 -1.32
C GLU A 24 7.39 8.36 -1.31
N GLN A 25 7.78 7.39 -2.14
CA GLN A 25 6.95 6.19 -2.23
C GLN A 25 7.36 5.16 -1.18
N ASP A 26 7.29 5.60 0.08
CA ASP A 26 7.30 4.67 1.20
C ASP A 26 5.96 3.94 1.23
N GLU A 27 6.00 2.61 1.29
CA GLU A 27 4.77 1.84 1.11
C GLU A 27 3.78 2.06 2.24
N ARG A 28 4.22 2.48 3.43
CA ARG A 28 3.25 2.70 4.51
C ARG A 28 2.31 3.86 4.21
N LEU A 29 2.68 4.76 3.29
CA LEU A 29 1.84 5.90 2.91
C LEU A 29 0.85 5.57 1.80
N SER A 30 1.05 4.44 1.12
CA SER A 30 0.34 4.19 -0.13
C SER A 30 -1.17 4.16 0.08
N ARG A 31 -1.61 3.55 1.17
CA ARG A 31 -3.04 3.47 1.49
C ARG A 31 -3.67 4.86 1.64
N GLN A 32 -3.03 5.75 2.41
CA GLN A 32 -3.63 7.07 2.61
C GLN A 32 -3.51 7.91 1.34
N LYS A 33 -2.44 7.70 0.55
CA LYS A 33 -2.40 8.37 -0.75
C LYS A 33 -3.59 8.00 -1.61
N LEU A 34 -3.93 6.70 -1.65
CA LEU A 34 -5.07 6.24 -2.42
C LEU A 34 -6.37 6.78 -1.85
N ASN A 35 -6.50 6.80 -0.52
CA ASN A 35 -7.64 7.44 0.13
C ASN A 35 -7.78 8.89 -0.31
N PHE A 36 -6.66 9.61 -0.35
CA PHE A 36 -6.67 10.98 -0.85
C PHE A 36 -7.01 11.06 -2.34
N LEU A 37 -6.34 10.27 -3.17
CA LEU A 37 -6.51 10.42 -4.61
C LEU A 37 -7.92 10.07 -5.04
N GLY A 38 -8.64 9.30 -4.24
CA GLY A 38 -10.00 8.91 -4.59
C GLY A 38 -11.06 9.95 -4.34
N GLN A 39 -10.72 11.05 -3.63
CA GLN A 39 -11.70 12.04 -3.21
C GLN A 39 -11.97 13.07 -4.30
N ARG A 40 -13.24 13.44 -4.43
CA ARG A 40 -13.69 14.41 -5.42
C ARG A 40 -14.30 15.65 -4.80
N GLU A 41 -14.91 15.55 -3.63
CA GLU A 41 -15.52 16.70 -2.96
C GLU A 41 -14.45 17.52 -2.25
N PRO A 42 -14.38 18.86 -2.49
CA PRO A 42 -13.41 19.70 -1.76
C PRO A 42 -13.28 19.43 -0.27
N ARG A 43 -14.39 19.38 0.45
CA ARG A 43 -14.29 19.12 1.89
C ARG A 43 -13.64 17.77 2.16
N MET A 44 -13.79 16.80 1.26
CA MET A 44 -13.16 15.50 1.52
C MET A 44 -11.70 15.47 1.08
N VAL A 45 -11.35 16.24 0.05
CA VAL A 45 -9.96 16.45 -0.30
C VAL A 45 -9.20 17.03 0.88
N LEU A 46 -9.77 18.08 1.50
CA LEU A 46 -9.12 18.71 2.64
C LEU A 46 -8.95 17.72 3.78
N ILE A 47 -10.00 16.95 4.07
CA ILE A 47 -9.97 16.04 5.21
C ILE A 47 -8.91 14.96 5.01
N GLU A 48 -8.90 14.32 3.85
CA GLU A 48 -7.91 13.28 3.59
C GLU A 48 -6.51 13.84 3.34
N GLY A 49 -6.41 15.10 2.86
CA GLY A 49 -5.09 15.73 2.74
C GLY A 49 -4.45 16.03 4.08
N LEU A 50 -5.23 16.53 5.04
CA LEU A 50 -4.68 16.72 6.37
C LEU A 50 -4.26 15.39 6.96
N LYS A 51 -5.07 14.34 6.72
CA LYS A 51 -4.71 13.03 7.23
C LYS A 51 -3.43 12.52 6.56
N LEU A 52 -3.27 12.78 5.25
CA LEU A 52 -2.05 12.34 4.56
C LEU A 52 -0.83 13.04 5.15
N LEU A 53 -0.90 14.35 5.35
CA LEU A 53 0.17 15.06 6.05
C LEU A 53 0.42 14.48 7.42
N SER A 54 -0.65 14.15 8.16
CA SER A 54 -0.48 13.60 9.52
C SER A 54 0.24 12.26 9.51
N ARG A 55 -0.11 11.38 8.55
CA ARG A 55 0.55 10.08 8.46
C ARG A 55 2.02 10.24 8.17
N CYS A 56 2.39 11.18 7.30
CA CYS A 56 3.81 11.43 7.07
C CYS A 56 4.53 11.72 8.39
N ILE A 57 3.93 12.58 9.23
CA ILE A 57 4.50 12.95 10.53
C ILE A 57 4.58 11.71 11.43
N GLU A 58 3.47 10.95 11.48
CA GLU A 58 3.42 9.78 12.35
C GLU A 58 4.47 8.76 11.96
N ILE A 59 4.65 8.52 10.67
CA ILE A 59 5.59 7.48 10.29
C ILE A 59 7.01 7.94 10.56
N ASP A 60 7.28 9.23 10.32
CA ASP A 60 8.57 9.78 10.70
C ASP A 60 8.79 9.68 12.20
N SER A 61 7.78 10.00 12.99
CA SER A 61 7.96 9.89 14.44
C SER A 61 8.21 8.44 14.86
N ALA A 62 7.50 7.48 14.25
CA ALA A 62 7.72 6.07 14.58
C ALA A 62 9.13 5.62 14.22
N ASP A 63 9.59 5.97 13.01
CA ASP A 63 10.95 5.61 12.64
C ASP A 63 11.97 6.28 13.57
N LYS A 64 11.71 7.53 13.98
CA LYS A 64 12.66 8.19 14.88
C LYS A 64 12.61 7.60 16.30
N SER A 65 11.46 7.09 16.71
CA SER A 65 11.27 6.60 18.06
C SER A 65 11.49 5.09 18.18
N GLY A 66 11.86 4.42 17.10
CA GLY A 66 12.15 3.01 17.22
C GLY A 66 10.94 2.11 17.40
N CYS A 67 9.77 2.49 16.91
CA CYS A 67 8.66 1.55 16.97
C CYS A 67 7.94 1.46 15.62
N THR A 68 6.89 0.65 15.61
CA THR A 68 6.10 0.38 14.42
C THR A 68 4.98 1.41 14.31
N HIS A 69 4.82 1.99 13.12
CA HIS A 69 3.69 2.90 12.94
C HIS A 69 2.40 2.10 12.98
N ASN A 70 1.38 2.64 13.66
CA ASN A 70 0.09 1.97 13.86
C ASN A 70 -0.79 2.14 12.62
N HIS A 71 -0.35 1.50 11.55
CA HIS A 71 -0.92 1.67 10.21
C HIS A 71 -2.42 1.41 10.20
N ASP A 72 -2.89 0.40 10.94
CA ASP A 72 -4.28 -0.02 10.87
C ASP A 72 -5.12 0.49 12.04
N ASP A 73 -4.59 1.45 12.78
CA ASP A 73 -5.33 2.08 13.89
C ASP A 73 -5.79 1.05 14.93
N LYS A 74 -4.95 0.04 15.19
CA LYS A 74 -5.25 -0.92 16.24
C LYS A 74 -5.30 -0.25 17.61
N SER A 75 -6.12 -0.80 18.50
CA SER A 75 -6.12 -0.39 19.90
C SER A 75 -4.97 -1.07 20.66
N VAL A 76 -4.64 -0.51 21.82
CA VAL A 76 -3.69 -1.19 22.70
C VAL A 76 -4.20 -2.59 23.04
N GLU A 77 -5.50 -2.75 23.25
CA GLU A 77 -6.02 -4.09 23.53
C GLU A 77 -5.67 -5.06 22.41
N THR A 78 -5.88 -4.64 21.17
CA THR A 78 -5.61 -5.51 20.03
C THR A 78 -4.12 -5.80 19.90
N ILE A 79 -3.27 -4.79 20.13
CA ILE A 79 -1.84 -4.99 20.03
C ILE A 79 -1.38 -6.05 21.03
N LEU A 80 -1.95 -6.02 22.24
CA LEU A 80 -1.57 -7.03 23.23
C LEU A 80 -2.11 -8.40 22.85
N VAL A 81 -3.41 -8.50 22.58
CA VAL A 81 -4.01 -9.76 22.13
C VAL A 81 -3.21 -10.36 20.98
N GLU A 82 -2.90 -9.51 19.99
CA GLU A 82 -2.05 -9.89 18.87
C GLU A 82 -0.76 -10.55 19.30
N SER A 83 -0.25 -10.22 20.49
CA SER A 83 1.02 -10.74 20.95
C SER A 83 0.87 -11.76 22.07
N GLY A 84 -0.36 -12.18 22.37
CA GLY A 84 -0.59 -13.20 23.36
C GLY A 84 -0.71 -12.71 24.79
N ILE A 85 -1.18 -11.48 24.99
CA ILE A 85 -1.24 -10.87 26.31
C ILE A 85 -2.69 -10.50 26.61
N VAL A 86 -3.19 -11.02 27.71
CA VAL A 86 -4.55 -10.74 28.16
C VAL A 86 -4.52 -9.53 29.09
N CYS A 87 -5.43 -8.59 28.87
CA CYS A 87 -5.54 -7.39 29.68
C CYS A 87 -6.93 -6.82 29.53
N PRO A 88 -7.90 -7.32 30.27
CA PRO A 88 -9.30 -6.92 30.06
C PRO A 88 -9.60 -5.58 30.70
N GLY A 89 -10.63 -4.92 30.16
CA GLY A 89 -11.09 -3.65 30.69
C GLY A 89 -10.22 -2.47 30.33
N LEU A 90 -9.16 -2.68 29.57
CA LEU A 90 -8.33 -1.57 29.11
C LEU A 90 -9.20 -0.61 28.29
N PRO A 91 -9.20 0.68 28.62
CA PRO A 91 -9.96 1.65 27.81
C PRO A 91 -9.48 1.66 26.38
N LEU A 92 -10.24 2.31 25.51
CA LEU A 92 -9.91 2.34 24.08
C LEU A 92 -8.85 3.40 23.85
N ILE A 93 -7.62 2.95 23.57
CA ILE A 93 -6.50 3.83 23.26
C ILE A 93 -5.93 3.37 21.92
N ILE A 94 -5.90 4.26 20.94
CA ILE A 94 -5.30 3.97 19.64
C ILE A 94 -4.05 4.83 19.49
N PRO A 95 -2.85 4.27 19.60
CA PRO A 95 -1.63 5.08 19.56
C PRO A 95 -1.14 5.29 18.13
N ASP A 96 -0.28 6.28 17.99
CA ASP A 96 0.33 6.52 16.69
C ASP A 96 1.36 5.47 16.35
N GLY A 97 1.99 4.85 17.34
CA GLY A 97 3.01 3.86 17.14
C GLY A 97 3.09 2.97 18.34
N TYR A 98 3.73 1.81 18.17
CA TYR A 98 3.84 0.84 19.27
C TYR A 98 5.00 -0.12 19.01
N LYS A 99 5.50 -0.73 20.08
CA LYS A 99 6.53 -1.76 19.96
C LYS A 99 6.60 -2.56 21.25
N LEU A 100 6.42 -3.86 21.16
CA LEU A 100 6.52 -4.72 22.34
C LEU A 100 7.91 -5.35 22.36
N ILE A 101 8.67 -5.06 23.42
CA ILE A 101 10.00 -5.63 23.61
C ILE A 101 10.04 -6.23 25.01
N ASP A 102 10.20 -7.55 25.11
CA ASP A 102 10.22 -8.28 26.38
CA ASP A 102 10.23 -8.27 26.39
C ASP A 102 8.92 -7.94 27.10
N ASN A 103 8.93 -7.41 28.31
CA ASN A 103 7.73 -7.06 29.07
C ASN A 103 7.35 -5.58 28.93
N SER A 104 8.03 -4.84 28.04
CA SER A 104 7.86 -3.41 27.86
C SER A 104 7.07 -3.10 26.59
N LEU A 105 5.99 -2.34 26.72
CA LEU A 105 5.20 -1.88 25.56
C LEU A 105 5.47 -0.38 25.33
N ILE A 106 6.24 -0.08 24.29
CA ILE A 106 6.40 1.32 23.87
C ILE A 106 5.12 1.77 23.18
N LEU A 107 4.56 2.89 23.62
CA LEU A 107 3.40 3.51 22.97
C LEU A 107 3.77 4.92 22.61
N LEU A 108 3.49 5.32 21.37
CA LEU A 108 3.93 6.59 20.81
C LEU A 108 2.71 7.40 20.43
N GLU A 109 2.68 8.66 20.88
CA GLU A 109 1.72 9.66 20.44
C GLU A 109 2.49 10.81 19.80
N CYS A 110 2.08 11.26 18.63
CA CYS A 110 2.75 12.41 18.03
C CYS A 110 1.71 13.38 17.49
N PHE A 111 2.11 14.63 17.36
CA PHE A 111 1.18 15.68 16.92
C PHE A 111 1.98 16.85 16.38
N VAL A 112 1.28 17.76 15.71
CA VAL A 112 1.86 19.03 15.26
C VAL A 112 1.04 20.14 15.89
N ARG A 113 1.71 21.13 16.47
CA ARG A 113 1.07 22.36 16.93
C ARG A 113 1.95 23.56 16.57
N SER A 114 1.32 24.71 16.36
CA SER A 114 1.96 25.85 15.73
C SER A 114 2.10 27.05 16.63
N THR A 115 1.58 26.98 17.87
CA THR A 115 1.84 28.02 18.87
C THR A 115 2.27 27.35 20.17
N PRO A 116 3.08 28.03 20.99
CA PRO A 116 3.53 27.38 22.23
C PRO A 116 2.37 26.99 23.12
N ALA A 117 1.33 27.84 23.24
CA ALA A 117 0.20 27.49 24.09
C ALA A 117 -0.48 26.22 23.61
N SER A 118 -0.76 26.12 22.30
CA SER A 118 -1.43 24.90 21.82
C SER A 118 -0.48 23.70 21.91
N PHE A 119 0.81 23.93 21.71
CA PHE A 119 1.80 22.84 21.85
C PHE A 119 1.74 22.23 23.24
N GLU A 120 1.85 23.06 24.28
CA GLU A 120 1.93 22.49 25.62
C GLU A 120 0.62 21.82 26.01
N LYS A 121 -0.51 22.41 25.60
CA LYS A 121 -1.81 21.83 25.90
C LYS A 121 -1.94 20.43 25.35
N LYS A 122 -1.65 20.27 24.05
CA LYS A 122 -1.76 18.95 23.43
C LYS A 122 -0.70 17.99 24.00
N PHE A 123 0.49 18.49 24.31
CA PHE A 123 1.50 17.63 24.91
C PHE A 123 0.97 16.99 26.18
N ILE A 124 0.39 17.78 27.08
CA ILE A 124 -0.17 17.27 28.34
C ILE A 124 -1.35 16.34 28.06
N GLU A 125 -2.19 16.67 27.07
CA GLU A 125 -3.32 15.80 26.73
C GLU A 125 -2.84 14.41 26.32
N ASP A 126 -1.88 14.32 25.38
CA ASP A 126 -1.41 13.01 24.95
C ASP A 126 -0.67 12.26 26.05
N THR A 127 0.07 13.01 26.89
CA THR A 127 0.72 12.40 28.05
C THR A 127 -0.30 11.75 28.96
N ASN A 128 -1.36 12.50 29.33
CA ASN A 128 -2.41 11.93 30.15
C ASN A 128 -3.10 10.75 29.47
N LYS A 129 -3.27 10.81 28.15
CA LYS A 129 -3.95 9.73 27.47
C LYS A 129 -3.20 8.40 27.65
N LEU A 130 -1.88 8.41 27.48
CA LEU A 130 -1.14 7.18 27.67
C LEU A 130 -1.04 6.83 29.14
N ALA A 131 -0.87 7.83 30.02
CA ALA A 131 -0.62 7.54 31.42
C ALA A 131 -1.79 6.79 32.05
N CYS A 132 -3.00 6.98 31.54
CA CYS A 132 -4.16 6.41 32.20
C CYS A 132 -4.25 4.89 32.10
N ILE A 133 -3.45 4.23 31.26
CA ILE A 133 -3.42 2.76 31.22
C ILE A 133 -2.13 2.18 31.79
N ARG A 134 -1.28 2.99 32.42
CA ARG A 134 -0.04 2.44 32.97
CA ARG A 134 -0.04 2.44 32.97
C ARG A 134 -0.31 1.35 34.00
N GLU A 135 -1.20 1.63 34.97
CA GLU A 135 -1.39 0.66 36.04
C GLU A 135 -2.14 -0.57 35.57
N ASP A 136 -3.13 -0.41 34.68
CA ASP A 136 -3.75 -1.57 34.06
C ASP A 136 -2.72 -2.44 33.36
N LEU A 137 -1.79 -1.83 32.64
CA LEU A 137 -0.73 -2.60 31.99
C LEU A 137 0.16 -3.29 33.02
N ALA A 138 0.47 -2.59 34.11
CA ALA A 138 1.36 -3.16 35.13
C ALA A 138 0.74 -4.40 35.76
N VAL A 139 -0.58 -4.39 35.96
CA VAL A 139 -1.25 -5.55 36.54
C VAL A 139 -1.14 -6.75 35.61
N ALA A 140 -1.05 -6.51 34.31
CA ALA A 140 -0.92 -7.59 33.35
C ALA A 140 0.53 -7.95 33.07
N GLY A 141 1.47 -7.40 33.82
CA GLY A 141 2.88 -7.70 33.62
C GLY A 141 3.58 -6.88 32.55
N VAL A 142 2.91 -5.87 31.99
CA VAL A 142 3.47 -5.02 30.93
C VAL A 142 3.89 -3.68 31.54
N THR A 143 5.18 -3.34 31.41
CA THR A 143 5.68 -2.01 31.73
C THR A 143 5.44 -1.06 30.56
N LEU A 144 4.62 -0.03 30.76
CA LEU A 144 4.40 0.99 29.73
C LEU A 144 5.66 1.84 29.51
N VAL A 145 6.01 2.07 28.24
CA VAL A 145 7.03 3.06 27.90
C VAL A 145 6.34 4.09 27.02
N PRO A 146 5.80 5.16 27.60
CA PRO A 146 4.97 6.10 26.83
C PRO A 146 5.81 7.23 26.24
N ILE A 147 5.67 7.51 24.96
CA ILE A 147 6.46 8.54 24.30
C ILE A 147 5.52 9.55 23.66
N VAL A 148 5.69 10.83 23.98
CA VAL A 148 4.91 11.86 23.31
C VAL A 148 5.88 12.72 22.50
N ASP A 149 5.70 12.71 21.18
CA ASP A 149 6.60 13.44 20.29
C ASP A 149 5.81 14.61 19.71
N GLY A 150 5.99 15.80 20.30
CA GLY A 150 5.34 17.01 19.80
C GLY A 150 6.21 17.70 18.77
N ARG A 151 5.60 18.03 17.63
CA ARG A 151 6.30 18.74 16.56
C ARG A 151 5.80 20.17 16.48
N CYS A 152 6.68 21.09 16.06
CA CYS A 152 6.33 22.50 15.89
CA CYS A 152 6.32 22.49 15.91
C CYS A 152 6.03 22.90 14.46
N ASP A 153 6.14 21.99 13.51
CA ASP A 153 5.79 22.25 12.11
C ASP A 153 5.57 20.88 11.45
N TYR A 154 5.22 20.89 10.15
CA TYR A 154 4.86 19.66 9.42
C TYR A 154 6.03 19.03 8.68
N ASP A 155 7.25 19.46 8.94
CA ASP A 155 8.42 18.91 8.27
C ASP A 155 8.48 17.41 8.41
N ASN A 156 8.80 16.72 7.30
CA ASN A 156 8.88 15.26 7.38
C ASN A 156 9.81 14.77 6.29
N SER A 157 10.29 13.53 6.46
CA SER A 157 11.32 13.04 5.56
C SER A 157 10.77 12.60 4.22
N PHE A 158 9.46 12.60 4.04
CA PHE A 158 8.86 12.08 2.80
C PHE A 158 8.59 13.15 1.74
N MET A 159 8.78 14.42 2.07
CA MET A 159 8.42 15.50 1.18
C MET A 159 9.49 16.59 1.22
N PRO A 160 9.92 17.11 0.07
CA PRO A 160 10.73 18.32 0.11
C PRO A 160 9.93 19.41 0.81
N GLU A 161 10.66 20.32 1.45
CA GLU A 161 10.04 21.44 2.16
C GLU A 161 9.17 22.31 1.24
N TRP A 162 9.62 22.55 0.00
CA TRP A 162 8.81 23.39 -0.90
C TRP A 162 7.47 22.72 -1.23
N ALA A 163 7.47 21.40 -1.39
CA ALA A 163 6.23 20.72 -1.76
C ALA A 163 5.30 20.57 -0.56
N ASN A 164 5.89 20.35 0.62
CA ASN A 164 5.14 20.42 1.87
C ASN A 164 4.40 21.76 1.96
N PHE A 165 5.14 22.85 1.74
CA PHE A 165 4.54 24.18 1.75
C PHE A 165 3.45 24.32 0.68
N LYS A 166 3.74 23.95 -0.57
CA LYS A 166 2.69 24.05 -1.59
C LYS A 166 1.47 23.22 -1.22
N PHE A 167 1.66 22.01 -0.70
CA PHE A 167 0.52 21.17 -0.30
C PHE A 167 -0.35 21.91 0.73
N ARG A 168 0.30 22.47 1.76
CA ARG A 168 -0.43 23.19 2.81
C ARG A 168 -1.07 24.46 2.24
N ASP A 169 -0.34 25.19 1.38
CA ASP A 169 -0.93 26.38 0.75
C ASP A 169 -2.21 26.02 0.00
N LEU A 170 -2.18 24.90 -0.74
CA LEU A 170 -3.35 24.45 -1.51
C LEU A 170 -4.47 24.01 -0.60
N LEU A 171 -4.15 23.26 0.46
CA LEU A 171 -5.20 22.86 1.40
C LEU A 171 -5.82 24.08 2.03
N PHE A 172 -5.00 25.07 2.38
CA PHE A 172 -5.52 26.30 2.95
C PHE A 172 -6.48 27.00 1.98
N LYS A 173 -6.19 26.98 0.69
CA LYS A 173 -7.15 27.57 -0.25
C LYS A 173 -8.50 26.87 -0.19
N LEU A 174 -8.52 25.54 -0.05
CA LEU A 174 -9.81 24.88 0.14
C LEU A 174 -10.49 25.34 1.43
N LEU A 175 -9.73 25.49 2.51
CA LEU A 175 -10.29 26.06 3.74
C LEU A 175 -10.83 27.46 3.51
N GLU A 176 -10.04 28.33 2.89
CA GLU A 176 -10.48 29.70 2.60
C GLU A 176 -11.81 29.70 1.86
N TYR A 177 -11.91 28.91 0.79
CA TYR A 177 -13.14 28.87 0.02
C TYR A 177 -14.33 28.45 0.87
N SER A 178 -14.17 27.43 1.72
CA SER A 178 -15.26 27.05 2.61
C SER A 178 -15.69 28.21 3.51
N ASN A 179 -14.72 28.88 4.15
CA ASN A 179 -15.04 30.02 5.00
C ASN A 179 -15.55 31.21 4.19
N GLN A 180 -14.96 31.46 3.02
CA GLN A 180 -15.52 32.48 2.13
C GLN A 180 -16.89 32.07 1.63
N ASP A 181 -17.15 30.77 1.50
CA ASP A 181 -18.46 30.31 1.07
C ASP A 181 -19.54 30.72 2.06
N GLU A 182 -19.29 30.51 3.35
CA GLU A 182 -20.38 30.71 4.30
C GLU A 182 -20.54 32.17 4.74
N LYS A 183 -19.52 33.00 4.63
CA LYS A 183 -19.80 34.43 4.78
C LYS A 183 -20.63 34.95 3.61
N VAL A 184 -20.67 34.24 2.49
CA VAL A 184 -21.71 34.44 1.49
C VAL A 184 -23.00 33.74 1.89
N PHE A 185 -22.95 32.80 2.84
CA PHE A 185 -24.18 32.31 3.44
C PHE A 185 -24.68 33.27 4.50
N GLU A 186 -23.78 33.77 5.38
CA GLU A 186 -24.21 34.50 6.57
C GLU A 186 -24.76 35.89 6.24
N GLU A 187 -24.30 36.53 5.15
CA GLU A 187 -24.88 37.77 4.67
C GLU A 187 -25.94 37.56 3.60
N SER A 188 -26.69 36.46 3.71
CA SER A 188 -27.72 36.06 2.75
C SER A 188 -29.02 35.64 3.42
N GLU A 189 -28.99 35.20 4.68
CA GLU A 189 -29.77 34.08 5.20
C GLU A 189 -30.87 34.48 6.18
N TYR A 190 -31.88 33.60 6.24
CA TYR A 190 -32.93 33.41 7.26
C TYR A 190 -34.28 33.31 6.60
N HIS B 8 -8.03 8.71 -25.89
CA HIS B 8 -7.10 7.85 -25.15
C HIS B 8 -6.83 8.40 -23.78
N ASP B 9 -6.80 9.74 -23.68
CA ASP B 9 -6.77 10.35 -22.36
C ASP B 9 -8.03 10.02 -21.59
N GLU B 10 -9.15 9.90 -22.30
CA GLU B 10 -10.39 9.52 -21.62
C GLU B 10 -10.37 8.06 -21.21
N ILE B 11 -9.81 7.18 -22.05
CA ILE B 11 -9.68 5.77 -21.68
C ILE B 11 -8.82 5.64 -20.43
N ILE B 12 -7.70 6.36 -20.39
CA ILE B 12 -6.83 6.27 -19.22
C ILE B 12 -7.57 6.76 -17.98
N SER B 13 -8.31 7.85 -18.12
CA SER B 13 -9.06 8.39 -16.99
C SER B 13 -10.11 7.38 -16.50
N GLU B 14 -10.77 6.69 -17.42
CA GLU B 14 -11.77 5.69 -17.03
C GLU B 14 -11.11 4.52 -16.29
N LEU B 15 -9.97 4.04 -16.78
CA LEU B 15 -9.27 2.96 -16.06
C LEU B 15 -8.91 3.40 -14.65
N ARG B 16 -8.47 4.64 -14.50
CA ARG B 16 -8.12 5.12 -13.16
C ARG B 16 -9.34 5.17 -12.24
N GLU B 17 -10.49 5.60 -12.79
CA GLU B 17 -11.70 5.67 -11.96
C GLU B 17 -12.13 4.27 -11.54
N LEU B 18 -12.08 3.31 -12.45
CA LEU B 18 -12.39 1.93 -12.07
C LEU B 18 -11.43 1.42 -11.00
N CYS B 19 -10.13 1.73 -11.14
CA CYS B 19 -9.17 1.30 -10.14
C CYS B 19 -9.54 1.85 -8.76
N LEU B 20 -9.80 3.15 -8.68
CA LEU B 20 -10.08 3.79 -7.39
C LEU B 20 -11.45 3.41 -6.84
N ASN B 21 -12.45 3.31 -7.69
CA ASN B 21 -13.80 3.10 -7.18
C ASN B 21 -14.22 1.63 -7.07
N TYR B 22 -13.65 0.72 -7.88
CA TYR B 22 -14.19 -0.63 -7.93
C TYR B 22 -13.16 -1.73 -7.72
N ILE B 23 -11.92 -1.41 -7.37
CA ILE B 23 -11.00 -2.43 -6.88
C ILE B 23 -10.92 -2.27 -5.36
N GLU B 24 -11.28 -3.32 -4.65
CA GLU B 24 -11.33 -3.34 -3.19
C GLU B 24 -10.08 -2.74 -2.57
N GLN B 25 -10.28 -2.04 -1.46
CA GLN B 25 -9.18 -1.35 -0.78
C GLN B 25 -8.45 -2.33 0.13
N ASP B 26 -7.94 -3.41 -0.44
CA ASP B 26 -7.13 -4.35 0.33
C ASP B 26 -5.71 -3.80 0.44
N GLU B 27 -5.13 -3.80 1.64
CA GLU B 27 -3.82 -3.17 1.81
C GLU B 27 -2.75 -3.79 0.90
N ARG B 28 -2.91 -5.07 0.54
CA ARG B 28 -1.92 -5.72 -0.31
C ARG B 28 -1.94 -5.19 -1.73
N LEU B 29 -3.01 -4.50 -2.12
CA LEU B 29 -3.06 -3.92 -3.46
C LEU B 29 -2.61 -2.46 -3.49
N SER B 30 -2.27 -1.85 -2.35
CA SER B 30 -1.97 -0.41 -2.34
C SER B 30 -0.83 -0.07 -3.29
N ARG B 31 0.28 -0.79 -3.20
CA ARG B 31 1.46 -0.44 -4.00
C ARG B 31 1.16 -0.50 -5.49
N GLN B 32 0.54 -1.58 -5.96
CA GLN B 32 0.31 -1.67 -7.40
C GLN B 32 -0.77 -0.71 -7.85
N LYS B 33 -1.81 -0.49 -7.04
CA LYS B 33 -2.79 0.52 -7.46
C LYS B 33 -2.11 1.88 -7.60
N LEU B 34 -1.23 2.23 -6.66
CA LEU B 34 -0.55 3.53 -6.75
C LEU B 34 0.39 3.56 -7.96
N ASN B 35 1.12 2.46 -8.20
CA ASN B 35 1.98 2.37 -9.39
C ASN B 35 1.18 2.58 -10.66
N PHE B 36 -0.01 2.00 -10.72
CA PHE B 36 -0.87 2.16 -11.90
C PHE B 36 -1.36 3.60 -12.05
N LEU B 37 -1.87 4.20 -10.95
CA LEU B 37 -2.39 5.57 -11.03
C LEU B 37 -1.31 6.59 -11.38
N GLY B 38 -0.04 6.26 -11.17
CA GLY B 38 0.99 7.23 -11.52
C GLY B 38 1.46 7.19 -12.95
N GLN B 39 1.02 6.22 -13.75
CA GLN B 39 1.44 6.14 -15.14
C GLN B 39 0.71 7.16 -16.00
N ARG B 40 1.45 7.76 -16.95
CA ARG B 40 0.94 8.69 -17.95
C ARG B 40 1.03 8.16 -19.37
N GLU B 41 2.08 7.40 -19.68
CA GLU B 41 2.25 6.93 -21.04
C GLU B 41 1.25 5.81 -21.32
N PRO B 42 0.50 5.88 -22.42
CA PRO B 42 -0.50 4.84 -22.69
C PRO B 42 0.03 3.42 -22.56
N ARG B 43 1.23 3.13 -23.07
CA ARG B 43 1.73 1.76 -23.01
C ARG B 43 2.09 1.36 -21.56
N MET B 44 2.55 2.31 -20.75
CA MET B 44 2.86 2.00 -19.36
C MET B 44 1.59 1.87 -18.53
N VAL B 45 0.58 2.70 -18.81
CA VAL B 45 -0.72 2.49 -18.20
C VAL B 45 -1.21 1.08 -18.49
N LEU B 46 -1.06 0.63 -19.74
CA LEU B 46 -1.48 -0.71 -20.12
C LEU B 46 -0.73 -1.79 -19.35
N ILE B 47 0.60 -1.69 -19.29
CA ILE B 47 1.42 -2.69 -18.61
C ILE B 47 1.09 -2.74 -17.12
N GLU B 48 1.02 -1.59 -16.47
CA GLU B 48 0.74 -1.59 -15.04
C GLU B 48 -0.71 -1.98 -14.75
N GLY B 49 -1.62 -1.69 -15.67
CA GLY B 49 -2.99 -2.15 -15.50
C GLY B 49 -3.09 -3.66 -15.58
N LEU B 50 -2.39 -4.25 -16.56
CA LEU B 50 -2.36 -5.71 -16.62
C LEU B 50 -1.72 -6.28 -15.38
N LYS B 51 -0.68 -5.61 -14.88
CA LYS B 51 -0.02 -6.12 -13.69
C LYS B 51 -0.94 -6.01 -12.48
N LEU B 52 -1.75 -4.94 -12.42
CA LEU B 52 -2.72 -4.79 -11.33
C LEU B 52 -3.73 -5.93 -11.34
N LEU B 53 -4.29 -6.20 -12.50
CA LEU B 53 -5.24 -7.33 -12.61
C LEU B 53 -4.58 -8.65 -12.22
N SER B 54 -3.35 -8.88 -12.66
CA SER B 54 -2.64 -10.10 -12.24
C SER B 54 -2.48 -10.16 -10.74
N ARG B 55 -2.16 -9.04 -10.09
CA ARG B 55 -2.00 -9.01 -8.64
C ARG B 55 -3.31 -9.35 -7.92
N CYS B 56 -4.44 -8.85 -8.44
CA CYS B 56 -5.71 -9.20 -7.82
C CYS B 56 -5.92 -10.71 -7.85
N ILE B 57 -5.58 -11.35 -8.97
CA ILE B 57 -5.79 -12.80 -9.10
C ILE B 57 -4.82 -13.55 -8.19
N GLU B 58 -3.54 -13.14 -8.16
CA GLU B 58 -2.57 -13.83 -7.32
C GLU B 58 -2.96 -13.78 -5.85
N ILE B 59 -3.40 -12.62 -5.38
CA ILE B 59 -3.79 -12.49 -3.98
C ILE B 59 -5.07 -13.26 -3.70
N ASP B 60 -6.01 -13.21 -4.65
CA ASP B 60 -7.24 -14.00 -4.55
C ASP B 60 -6.90 -15.46 -4.38
N SER B 61 -5.95 -15.94 -5.18
CA SER B 61 -5.53 -17.33 -5.12
C SER B 61 -4.90 -17.65 -3.78
N ALA B 62 -4.01 -16.76 -3.28
CA ALA B 62 -3.39 -17.01 -1.99
C ALA B 62 -4.46 -17.12 -0.90
N ASP B 63 -5.45 -16.23 -0.90
CA ASP B 63 -6.50 -16.26 0.10
C ASP B 63 -7.30 -17.54 0.02
N LYS B 64 -7.71 -17.93 -1.19
CA LYS B 64 -8.52 -19.14 -1.32
C LYS B 64 -7.71 -20.41 -1.08
N SER B 65 -6.40 -20.35 -1.20
CA SER B 65 -5.54 -21.50 -0.93
C SER B 65 -4.99 -21.51 0.49
N GLY B 66 -5.37 -20.55 1.32
CA GLY B 66 -4.93 -20.53 2.71
C GLY B 66 -3.46 -20.25 2.94
N CYS B 67 -2.81 -19.44 2.10
CA CYS B 67 -1.40 -19.12 2.36
C CYS B 67 -1.18 -17.63 2.20
N THR B 68 0.05 -17.19 2.41
CA THR B 68 0.41 -15.78 2.32
C THR B 68 0.79 -15.40 0.91
N HIS B 69 0.21 -14.32 0.40
CA HIS B 69 0.64 -13.87 -0.92
C HIS B 69 2.09 -13.40 -0.87
N ASN B 70 2.85 -13.70 -1.93
CA ASN B 70 4.29 -13.39 -1.95
C ASN B 70 4.47 -11.94 -2.38
N HIS B 71 4.14 -11.04 -1.45
CA HIS B 71 4.00 -9.61 -1.74
C HIS B 71 5.26 -9.02 -2.35
N ASP B 72 6.43 -9.45 -1.88
CA ASP B 72 7.70 -8.89 -2.30
C ASP B 72 8.50 -9.79 -3.23
N ASP B 73 7.87 -10.81 -3.80
CA ASP B 73 8.56 -11.66 -4.78
C ASP B 73 9.79 -12.33 -4.17
N LYS B 74 9.69 -12.69 -2.89
CA LYS B 74 10.76 -13.44 -2.24
C LYS B 74 10.96 -14.81 -2.90
N SER B 75 12.21 -15.27 -2.91
CA SER B 75 12.53 -16.62 -3.35
C SER B 75 12.23 -17.62 -2.23
N VAL B 76 12.13 -18.90 -2.60
CA VAL B 76 11.97 -19.94 -1.59
C VAL B 76 13.13 -19.90 -0.61
N GLU B 77 14.35 -19.70 -1.12
CA GLU B 77 15.51 -19.62 -0.24
C GLU B 77 15.38 -18.48 0.75
N THR B 78 15.00 -17.30 0.26
CA THR B 78 14.75 -16.16 1.12
C THR B 78 13.64 -16.46 2.14
N ILE B 79 12.55 -17.11 1.71
CA ILE B 79 11.47 -17.44 2.65
C ILE B 79 11.98 -18.37 3.74
N LEU B 80 12.85 -19.31 3.38
CA LEU B 80 13.40 -20.24 4.37
C LEU B 80 14.37 -19.52 5.31
N VAL B 81 15.30 -18.71 4.76
CA VAL B 81 16.27 -18.04 5.64
C VAL B 81 15.57 -17.06 6.58
N GLU B 82 14.40 -16.54 6.21
CA GLU B 82 13.68 -15.68 7.12
C GLU B 82 13.11 -16.43 8.31
N SER B 83 12.85 -17.72 8.15
CA SER B 83 12.37 -18.55 9.25
C SER B 83 13.49 -19.35 9.88
N GLY B 84 14.74 -19.02 9.58
CA GLY B 84 15.89 -19.67 10.18
C GLY B 84 16.16 -21.06 9.69
N ILE B 85 15.83 -21.36 8.44
CA ILE B 85 16.05 -22.68 7.87
C ILE B 85 17.12 -22.55 6.81
N VAL B 86 18.20 -23.30 6.97
CA VAL B 86 19.26 -23.31 5.98
C VAL B 86 18.91 -24.35 4.92
N CYS B 87 19.28 -24.03 3.69
CA CYS B 87 19.00 -24.79 2.50
C CYS B 87 19.70 -24.03 1.39
N PRO B 88 20.87 -24.48 0.94
CA PRO B 88 21.65 -23.65 -0.01
C PRO B 88 21.20 -23.83 -1.44
N GLY B 89 21.39 -25.03 -1.97
CA GLY B 89 21.06 -25.39 -3.35
C GLY B 89 19.98 -24.57 -4.01
N LEU B 90 18.72 -24.95 -3.79
CA LEU B 90 17.49 -24.38 -4.32
C LEU B 90 17.67 -23.59 -5.61
N PRO B 91 17.14 -24.09 -6.73
CA PRO B 91 16.95 -23.23 -7.91
C PRO B 91 16.25 -21.93 -7.52
N LEU B 92 16.37 -20.90 -8.34
CA LEU B 92 15.63 -19.68 -8.05
C LEU B 92 14.16 -19.90 -8.37
N ILE B 93 13.31 -19.85 -7.34
CA ILE B 93 11.87 -20.04 -7.51
C ILE B 93 11.12 -19.00 -6.70
N ILE B 94 10.29 -18.22 -7.39
CA ILE B 94 9.49 -17.16 -6.77
C ILE B 94 8.03 -17.61 -6.77
N PRO B 95 7.52 -18.16 -5.68
CA PRO B 95 6.12 -18.62 -5.67
C PRO B 95 5.17 -17.44 -5.63
N ASP B 96 3.92 -17.68 -6.06
CA ASP B 96 2.88 -16.68 -5.87
C ASP B 96 2.42 -16.59 -4.41
N GLY B 97 2.56 -17.68 -3.64
CA GLY B 97 2.16 -17.69 -2.25
C GLY B 97 2.96 -18.73 -1.49
N TYR B 98 2.93 -18.63 -0.16
CA TYR B 98 3.70 -19.55 0.66
C TYR B 98 3.14 -19.55 2.07
N LYS B 99 3.39 -20.64 2.81
CA LYS B 99 3.13 -20.63 4.24
C LYS B 99 3.93 -21.76 4.86
N LEU B 100 4.72 -21.43 5.88
CA LEU B 100 5.43 -22.42 6.67
C LEU B 100 4.61 -22.71 7.91
N ILE B 101 4.19 -23.95 8.05
CA ILE B 101 3.46 -24.42 9.23
C ILE B 101 4.17 -25.67 9.73
N ASP B 102 4.56 -25.67 11.00
CA ASP B 102 5.39 -26.75 11.51
C ASP B 102 6.59 -26.97 10.60
N ASN B 103 6.73 -28.18 10.08
CA ASN B 103 7.80 -28.52 9.17
C ASN B 103 7.38 -28.48 7.70
N SER B 104 6.13 -28.10 7.39
CA SER B 104 5.58 -28.14 6.04
C SER B 104 5.60 -26.76 5.42
N LEU B 105 6.18 -26.65 4.23
CA LEU B 105 6.19 -25.40 3.47
C LEU B 105 5.18 -25.52 2.33
N ILE B 106 4.08 -24.80 2.45
CA ILE B 106 3.13 -24.65 1.35
C ILE B 106 3.70 -23.67 0.34
N LEU B 107 3.75 -24.07 -0.94
CA LEU B 107 4.13 -23.18 -2.03
C LEU B 107 3.03 -23.20 -3.09
N LEU B 108 2.65 -22.01 -3.55
CA LEU B 108 1.51 -21.82 -4.43
C LEU B 108 1.97 -21.17 -5.72
N GLU B 109 1.53 -21.72 -6.85
CA GLU B 109 1.63 -21.08 -8.16
C GLU B 109 0.23 -20.95 -8.73
N CYS B 110 -0.10 -19.78 -9.26
CA CYS B 110 -1.40 -19.64 -9.88
C CYS B 110 -1.22 -19.03 -11.25
N PHE B 111 -2.17 -19.30 -12.13
CA PHE B 111 -2.10 -18.82 -13.50
C PHE B 111 -3.52 -18.79 -14.08
N VAL B 112 -3.66 -18.06 -15.19
CA VAL B 112 -4.89 -18.02 -16.00
C VAL B 112 -4.54 -18.48 -17.41
N ARG B 113 -5.34 -19.39 -17.96
CA ARG B 113 -5.19 -19.73 -19.36
C ARG B 113 -6.57 -19.86 -19.97
N SER B 114 -6.66 -19.59 -21.27
CA SER B 114 -7.93 -19.39 -21.94
C SER B 114 -8.29 -20.51 -22.92
N THR B 115 -7.40 -21.48 -23.13
CA THR B 115 -7.73 -22.68 -23.90
C THR B 115 -7.37 -23.91 -23.07
N PRO B 116 -8.06 -25.03 -23.28
CA PRO B 116 -7.71 -26.23 -22.51
C PRO B 116 -6.30 -26.70 -22.74
N ALA B 117 -5.80 -26.63 -23.98
CA ALA B 117 -4.44 -27.10 -24.22
C ALA B 117 -3.41 -26.24 -23.52
N SER B 118 -3.58 -24.91 -23.53
CA SER B 118 -2.62 -24.06 -22.85
C SER B 118 -2.76 -24.18 -21.34
N PHE B 119 -3.97 -24.44 -20.84
CA PHE B 119 -4.18 -24.65 -19.40
C PHE B 119 -3.40 -25.89 -18.92
N GLU B 120 -3.52 -27.00 -19.65
CA GLU B 120 -2.90 -28.22 -19.19
C GLU B 120 -1.40 -28.13 -19.30
N LYS B 121 -0.89 -27.51 -20.38
CA LYS B 121 0.55 -27.30 -20.52
C LYS B 121 1.11 -26.47 -19.38
N LYS B 122 0.44 -25.36 -19.04
CA LYS B 122 0.96 -24.53 -17.96
C LYS B 122 0.84 -25.23 -16.60
N PHE B 123 -0.25 -25.96 -16.37
CA PHE B 123 -0.37 -26.72 -15.13
C PHE B 123 0.81 -27.68 -14.96
N ILE B 124 1.17 -28.42 -16.01
CA ILE B 124 2.30 -29.34 -15.93
C ILE B 124 3.60 -28.59 -15.67
N GLU B 125 3.78 -27.45 -16.34
CA GLU B 125 4.99 -26.67 -16.13
C GLU B 125 5.11 -26.21 -14.68
N ASP B 126 4.04 -25.59 -14.13
CA ASP B 126 4.13 -25.12 -12.75
C ASP B 126 4.27 -26.29 -11.78
N THR B 127 3.63 -27.42 -12.08
CA THR B 127 3.76 -28.57 -11.20
C THR B 127 5.22 -29.04 -11.15
N ASN B 128 5.88 -29.10 -12.31
CA ASN B 128 7.29 -29.49 -12.36
C ASN B 128 8.19 -28.47 -11.69
N LYS B 129 7.93 -27.18 -11.90
CA LYS B 129 8.73 -26.15 -11.23
C LYS B 129 8.79 -26.36 -9.72
N LEU B 130 7.66 -26.67 -9.08
CA LEU B 130 7.68 -26.85 -7.63
C LEU B 130 8.28 -28.19 -7.23
N ALA B 131 7.94 -29.25 -7.97
CA ALA B 131 8.38 -30.59 -7.60
C ALA B 131 9.89 -30.72 -7.61
N CYS B 132 10.58 -29.89 -8.39
CA CYS B 132 12.01 -30.08 -8.54
C CYS B 132 12.79 -29.72 -7.28
N ILE B 133 12.16 -29.11 -6.28
CA ILE B 133 12.86 -28.80 -5.03
C ILE B 133 12.32 -29.61 -3.86
N ARG B 134 11.50 -30.64 -4.11
CA ARG B 134 10.92 -31.38 -3.00
C ARG B 134 12.00 -32.06 -2.17
N GLU B 135 12.97 -32.70 -2.83
CA GLU B 135 14.00 -33.43 -2.11
C GLU B 135 15.02 -32.49 -1.47
N ASP B 136 15.39 -31.42 -2.16
CA ASP B 136 16.25 -30.40 -1.54
C ASP B 136 15.64 -29.87 -0.26
N LEU B 137 14.31 -29.75 -0.20
CA LEU B 137 13.65 -29.32 1.03
C LEU B 137 13.61 -30.43 2.04
N ALA B 138 13.39 -31.66 1.58
CA ALA B 138 13.30 -32.80 2.49
C ALA B 138 14.63 -33.03 3.22
N VAL B 139 15.75 -32.80 2.52
CA VAL B 139 17.06 -32.90 3.16
C VAL B 139 17.18 -31.87 4.27
N ALA B 140 16.68 -30.66 4.03
CA ALA B 140 16.68 -29.63 5.07
C ALA B 140 15.56 -29.82 6.10
N GLY B 141 14.87 -30.96 6.08
CA GLY B 141 13.83 -31.24 7.05
C GLY B 141 12.46 -30.68 6.75
N VAL B 142 12.22 -30.17 5.54
CA VAL B 142 10.98 -29.50 5.19
C VAL B 142 10.16 -30.37 4.25
N THR B 143 8.90 -30.60 4.61
CA THR B 143 7.92 -31.25 3.74
C THR B 143 7.30 -30.19 2.81
N LEU B 144 7.53 -30.33 1.51
CA LEU B 144 6.91 -29.46 0.53
C LEU B 144 5.43 -29.81 0.38
N VAL B 145 4.58 -28.78 0.40
CA VAL B 145 3.16 -28.94 0.08
C VAL B 145 2.87 -28.05 -1.13
N PRO B 146 3.02 -28.60 -2.35
CA PRO B 146 2.97 -27.77 -3.57
C PRO B 146 1.56 -27.63 -4.09
N ILE B 147 1.12 -26.42 -4.44
CA ILE B 147 -0.24 -26.18 -4.90
C ILE B 147 -0.15 -25.43 -6.21
N VAL B 148 -0.81 -25.95 -7.25
CA VAL B 148 -0.92 -25.24 -8.52
C VAL B 148 -2.39 -24.92 -8.73
N ASP B 149 -2.71 -23.61 -8.76
CA ASP B 149 -4.10 -23.16 -8.93
C ASP B 149 -4.29 -22.57 -10.32
N GLY B 150 -4.80 -23.40 -11.25
CA GLY B 150 -5.00 -22.96 -12.61
C GLY B 150 -6.40 -22.41 -12.74
N ARG B 151 -6.52 -21.22 -13.31
CA ARG B 151 -7.82 -20.62 -13.51
C ARG B 151 -8.15 -20.47 -14.99
N CYS B 152 -9.45 -20.52 -15.30
CA CYS B 152 -9.86 -20.41 -16.68
C CYS B 152 -10.41 -19.02 -17.01
N ASP B 153 -10.52 -18.13 -16.02
CA ASP B 153 -10.91 -16.74 -16.33
C ASP B 153 -10.28 -15.81 -15.30
N TYR B 154 -10.63 -14.52 -15.36
CA TYR B 154 -9.95 -13.53 -14.54
C TYR B 154 -10.74 -13.11 -13.33
N ASP B 155 -11.81 -13.81 -13.00
CA ASP B 155 -12.62 -13.41 -11.86
C ASP B 155 -11.80 -13.47 -10.57
N ASN B 156 -12.09 -12.55 -9.66
CA ASN B 156 -11.40 -12.54 -8.37
C ASN B 156 -12.23 -11.73 -7.39
N SER B 157 -11.96 -11.91 -6.10
CA SER B 157 -12.79 -11.31 -5.07
C SER B 157 -12.59 -9.80 -4.92
N PHE B 158 -11.56 -9.23 -5.51
CA PHE B 158 -11.28 -7.79 -5.34
C PHE B 158 -11.98 -6.91 -6.38
N MET B 159 -12.69 -7.48 -7.33
CA MET B 159 -13.36 -6.65 -8.34
C MET B 159 -14.70 -7.28 -8.66
N PRO B 160 -15.76 -6.51 -8.71
CA PRO B 160 -17.05 -7.01 -9.22
C PRO B 160 -16.88 -7.48 -10.67
N GLU B 161 -17.69 -8.46 -11.07
CA GLU B 161 -17.56 -9.03 -12.41
C GLU B 161 -17.70 -7.96 -13.51
N TRP B 162 -18.71 -7.09 -13.41
CA TRP B 162 -18.91 -6.10 -14.48
C TRP B 162 -17.69 -5.20 -14.61
N ALA B 163 -17.05 -4.83 -13.49
CA ALA B 163 -15.92 -3.88 -13.53
C ALA B 163 -14.68 -4.58 -14.05
N ASN B 164 -14.48 -5.84 -13.67
CA ASN B 164 -13.41 -6.66 -14.21
C ASN B 164 -13.53 -6.72 -15.74
N PHE B 165 -14.74 -7.02 -16.23
CA PHE B 165 -14.98 -7.00 -17.66
C PHE B 165 -14.68 -5.63 -18.28
N LYS B 166 -15.18 -4.55 -17.69
CA LYS B 166 -14.99 -3.26 -18.37
C LYS B 166 -13.54 -2.77 -18.24
N PHE B 167 -12.87 -3.10 -17.13
CA PHE B 167 -11.44 -2.82 -17.01
C PHE B 167 -10.67 -3.53 -18.13
N ARG B 168 -10.98 -4.80 -18.38
CA ARG B 168 -10.29 -5.51 -19.46
C ARG B 168 -10.64 -4.95 -20.83
N ASP B 169 -11.91 -4.57 -21.03
CA ASP B 169 -12.32 -3.96 -22.29
C ASP B 169 -11.52 -2.70 -22.58
N LEU B 170 -11.41 -1.84 -21.58
CA LEU B 170 -10.68 -0.59 -21.73
C LEU B 170 -9.16 -0.81 -21.88
N LEU B 171 -8.60 -1.81 -21.21
CA LEU B 171 -7.19 -2.13 -21.46
C LEU B 171 -7.00 -2.55 -22.92
N PHE B 172 -7.93 -3.33 -23.46
CA PHE B 172 -7.79 -3.75 -24.86
C PHE B 172 -7.87 -2.56 -25.81
N LYS B 173 -8.79 -1.64 -25.55
CA LYS B 173 -8.84 -0.42 -26.36
C LYS B 173 -7.56 0.39 -26.21
N LEU B 174 -6.96 0.39 -25.02
CA LEU B 174 -5.70 1.09 -24.84
C LEU B 174 -4.57 0.38 -25.58
N LEU B 175 -4.60 -0.96 -25.64
CA LEU B 175 -3.64 -1.69 -26.46
C LEU B 175 -3.73 -1.27 -27.91
N GLU B 176 -4.95 -1.20 -28.46
CA GLU B 176 -5.12 -0.77 -29.84
C GLU B 176 -4.58 0.64 -30.04
N TYR B 177 -4.84 1.53 -29.11
CA TYR B 177 -4.35 2.89 -29.26
C TYR B 177 -2.82 2.95 -29.22
N SER B 178 -2.20 2.24 -28.27
CA SER B 178 -0.74 2.32 -28.17
C SER B 178 -0.07 1.62 -29.37
N ASN B 179 -0.73 0.62 -29.97
CA ASN B 179 -0.20 0.06 -31.20
C ASN B 179 -0.20 1.10 -32.31
N GLN B 180 -1.20 1.97 -32.34
CA GLN B 180 -1.19 3.06 -33.32
C GLN B 180 -0.14 4.11 -32.97
N ASP B 181 0.08 4.38 -31.69
CA ASP B 181 1.18 5.28 -31.30
C ASP B 181 2.51 4.74 -31.77
N GLU B 182 2.72 3.43 -31.58
CA GLU B 182 3.96 2.81 -32.04
C GLU B 182 4.16 3.00 -33.54
N LYS B 183 3.13 2.73 -34.34
CA LYS B 183 3.28 2.88 -35.79
C LYS B 183 3.55 4.32 -36.17
N VAL B 184 2.91 5.27 -35.50
CA VAL B 184 3.21 6.68 -35.72
C VAL B 184 4.63 6.99 -35.30
N PHE B 185 5.06 6.44 -34.17
CA PHE B 185 6.43 6.66 -33.70
C PHE B 185 7.46 6.15 -34.71
N GLU B 186 7.23 4.95 -35.24
CA GLU B 186 8.13 4.40 -36.25
C GLU B 186 8.12 5.17 -37.57
N GLU B 187 7.27 6.17 -37.71
CA GLU B 187 7.31 7.07 -38.85
C GLU B 187 8.00 8.38 -38.51
N SER B 188 8.48 8.53 -37.29
CA SER B 188 8.98 9.80 -36.79
C SER B 188 10.49 9.88 -36.94
N GLU B 189 11.00 11.11 -36.90
CA GLU B 189 12.44 11.30 -36.87
CA GLU B 189 12.44 11.30 -36.88
C GLU B 189 13.06 10.72 -35.60
N TYR B 190 12.36 10.85 -34.45
CA TYR B 190 12.84 10.22 -33.20
C TYR B 190 13.20 8.76 -33.41
N PHE B 191 12.37 8.04 -34.18
CA PHE B 191 12.66 6.64 -34.42
C PHE B 191 13.92 6.47 -35.29
N ARG B 192 14.06 7.29 -36.34
CA ARG B 192 15.27 7.21 -37.16
C ARG B 192 16.49 7.53 -36.32
N LEU B 193 16.40 8.54 -35.46
CA LEU B 193 17.52 8.89 -34.60
C LEU B 193 17.85 7.75 -33.64
N CYS B 194 16.82 7.02 -33.15
CA CYS B 194 17.09 5.83 -32.34
C CYS B 194 17.82 4.78 -33.15
N GLU B 195 17.36 4.53 -34.39
CA GLU B 195 18.08 3.61 -35.27
C GLU B 195 19.51 4.04 -35.44
N SER B 196 19.73 5.32 -35.76
CA SER B 196 21.06 5.79 -36.08
C SER B 196 22.00 5.76 -34.88
N LEU B 197 21.49 6.05 -33.69
CA LEU B 197 22.27 5.86 -32.48
C LEU B 197 23.06 4.52 -32.45
N LYS B 198 22.83 3.61 -33.43
CA LYS B 198 23.70 2.48 -33.82
C LYS B 198 25.15 2.86 -34.18
N THR B 199 25.50 4.12 -33.94
CA THR B 199 26.87 4.60 -33.84
C THR B 199 27.61 3.99 -32.65
N THR B 200 26.90 3.33 -31.71
CA THR B 200 27.49 2.74 -30.50
C THR B 200 26.88 1.34 -30.37
N ILE B 201 27.39 0.37 -31.12
CA ILE B 201 26.92 -1.00 -30.93
C ILE B 201 27.58 -1.61 -29.69
MG MG C . -2.27 10.51 18.66
MG MG D . -3.21 8.76 16.01
C1 GOL E . -7.08 16.52 21.91
O1 GOL E . -5.93 15.85 22.43
C2 GOL E . -7.40 16.26 20.44
O2 GOL E . -6.31 15.77 19.66
C3 GOL E . -8.02 17.47 19.75
O3 GOL E . -8.62 18.32 20.70
C1 GOL F . -1.22 4.56 7.29
O1 GOL F . -2.13 4.41 8.37
C2 GOL F . -1.92 5.16 6.07
O2 GOL F . -1.31 4.92 4.77
C3 GOL F . -3.44 4.95 6.25
O3 GOL F . -4.02 6.19 6.67
O8 XI7 G . -4.63 11.74 17.50
C9 XI7 G . -4.43 11.32 16.39
C10 XI7 G . -3.09 10.78 16.08
O11 XI7 G . -2.50 10.54 17.09
O10 XI7 G . -2.48 10.60 14.97
C8 XI7 G . -5.50 11.30 15.36
C7 XI7 G . -4.97 12.14 14.24
C1 XI7 G . -5.91 12.70 13.25
C6 XI7 G . -7.26 12.69 13.54
C5 XI7 G . -8.11 13.22 12.59
C4 XI7 G . -7.57 13.72 11.41
C3 XI7 G . -6.22 13.71 11.14
C2 XI7 G . -5.37 13.19 12.08
O14 XI7 G . -3.80 12.42 14.07
CL CL H . 0.62 9.46 35.80
C1 PEG I . 13.00 17.42 3.53
O1 PEG I . 12.54 18.10 4.68
C2 PEG I . 12.98 15.91 3.74
O2 PEG I . 13.34 15.21 2.52
C3 PEG I . 14.59 14.51 2.50
C4 PEG I . 14.41 13.05 2.77
O4 PEG I . 15.66 12.34 2.61
C1 PEG J . 7.21 -11.47 29.10
O1 PEG J . 8.59 -11.28 28.86
C2 PEG J . 6.42 -10.48 28.30
O2 PEG J . 5.01 -10.73 28.47
C3 PEG J . 4.32 -9.74 29.25
C4 PEG J . 3.17 -10.38 29.96
O4 PEG J . 3.66 -11.23 31.02
NA NA K . 11.32 -11.13 29.95
NA NA L . -8.82 2.15 33.44
MG MG M . 2.37 -14.83 -10.64
MG MG N . 1.81 -17.25 -11.14
C1 GOL O . -6.86 -12.52 -22.36
O1 GOL O . -6.07 -13.10 -23.38
C2 GOL O . -6.98 -11.03 -22.60
O2 GOL O . -5.69 -10.49 -22.78
C3 GOL O . -7.83 -10.79 -23.84
O3 GOL O . -6.99 -10.73 -24.97
C1 GOL P . -20.36 -9.01 -18.27
O1 GOL P . -20.29 -8.95 -19.70
C2 GOL P . -21.40 -8.04 -17.68
O2 GOL P . -22.65 -8.09 -18.33
C3 GOL P . -21.58 -8.30 -16.19
O3 GOL P . -22.71 -7.60 -15.70
CL CL Q . 1.70 -16.90 -16.99
#